data_4L7T
#
_entry.id   4L7T
#
_cell.length_a   65.530
_cell.length_b   88.530
_cell.length_c   99.140
_cell.angle_alpha   90.00
_cell.angle_beta   90.00
_cell.angle_gamma   90.00
#
_symmetry.space_group_name_H-M   'P 21 21 21'
#
loop_
_entity.id
_entity.type
_entity.pdbx_description
1 polymer 'NanU sialic acid binding protein'
2 non-polymer 'ACETATE ION'
3 non-polymer 1,2-ETHANEDIOL
4 non-polymer 'SODIUM ION'
5 water water
#
_entity_poly.entity_id   1
_entity_poly.type   'polypeptide(L)'
_entity_poly.pdbx_seq_one_letter_code
;MLAGLSLLLFSRCDALDIDPTSSIADSNYWKTEAQFSTFNVGLHALLRECSFNFFLLGEPRADIYGDVPFGGEATQGMER
LPFNTINKENTGISNFAGMYKVINQINLMIAKTKETTVLSEAGKNYYLGEAYGMRAYLYFHLLRSWGDVILYLDYTNGAS
LDLSNLSKAASPAEEVMKQIKEDITASEKGFGSDYSFKYGRYYWSMAATQMLKGEVYLWSGRQMGGGTADYTTAKTALQS
IVSNANVSLQDDFSKVFAYNNKDNSEIIFSIRNAKDEYNMWDDRFRQNLVPQQAYMTSTYCNKEGVSFKDLPEGQLNGLI
RLQIRYDLYNKAFRDGDTRKDASMTAVYQKQQDGTVKYIAPFCNKYQGVLLDGASQRSFLNDYPIYRYADCLLLLAEAKA
LLGEDPTAEINQVRERAYGKEFFEANKATLAYPNDKGDFYTDNKYMSGDEDPLEAILKERMREFMFEGKRWYDLRLLGAD
YVTKRTSAVATRLLWPINESVLTDNPALKQTPGYQNEHHHHHH
;
_entity_poly.pdbx_strand_id   A
#
loop_
_chem_comp.id
_chem_comp.type
_chem_comp.name
_chem_comp.formula
ACT non-polymer 'ACETATE ION' 'C2 H3 O2 -1'
EDO non-polymer 1,2-ETHANEDIOL 'C2 H6 O2'
NA non-polymer 'SODIUM ION' 'Na 1'
#
# COMPACT_ATOMS: atom_id res chain seq x y z
N ILE A 18 33.23 2.12 31.93
CA ILE A 18 32.35 2.09 30.71
C ILE A 18 31.67 3.48 30.53
N ASP A 19 31.25 3.78 29.30
CA ASP A 19 30.49 4.99 28.97
C ASP A 19 28.99 4.97 29.46
N PRO A 20 28.61 5.88 30.39
CA PRO A 20 27.20 5.97 30.90
C PRO A 20 26.18 6.69 30.00
N THR A 21 26.64 7.33 28.93
CA THR A 21 25.73 8.12 28.10
C THR A 21 26.05 8.01 26.59
N SER A 22 26.11 6.77 26.15
CA SER A 22 26.28 6.43 24.73
C SER A 22 25.02 6.82 23.94
N SER A 23 25.18 7.57 22.84
CA SER A 23 24.06 7.95 21.97
C SER A 23 24.37 7.59 20.52
N ILE A 24 23.33 7.50 19.71
CA ILE A 24 23.56 7.14 18.32
C ILE A 24 24.12 8.29 17.46
N ALA A 25 24.11 9.53 17.97
CA ALA A 25 24.63 10.67 17.24
C ALA A 25 26.16 10.94 17.54
N ASP A 26 26.69 10.09 18.41
CA ASP A 26 28.11 10.20 18.86
C ASP A 26 28.97 9.97 17.60
N SER A 27 30.05 10.76 17.48
CA SER A 27 30.87 10.75 16.23
C SER A 27 31.49 9.42 15.85
N ASN A 28 31.78 8.56 16.84
CA ASN A 28 32.44 7.27 16.60
C ASN A 28 31.58 6.33 15.81
N TYR A 29 30.27 6.65 15.70
CA TYR A 29 29.35 5.79 14.93
C TYR A 29 29.20 6.31 13.53
N TRP A 30 29.90 7.39 13.20
CA TRP A 30 29.88 7.90 11.81
C TRP A 30 31.28 8.06 11.19
N LYS A 31 32.17 7.11 11.44
CA LYS A 31 33.58 7.27 10.99
C LYS A 31 33.88 6.58 9.68
N THR A 32 33.02 5.69 9.21
CA THR A 32 33.33 4.87 8.03
C THR A 32 32.10 4.84 7.15
N GLU A 33 32.32 4.67 5.85
CA GLU A 33 31.21 4.33 4.96
C GLU A 33 30.35 3.14 5.48
N ALA A 34 30.98 2.08 6.01
CA ALA A 34 30.25 0.89 6.43
C ALA A 34 29.24 1.20 7.53
N GLN A 35 29.63 2.08 8.43
CA GLN A 35 28.66 2.65 9.43
C GLN A 35 27.41 3.38 8.81
N PHE A 36 27.63 4.26 7.81
CA PHE A 36 26.52 4.95 7.15
C PHE A 36 25.66 3.88 6.46
N SER A 37 26.26 2.89 5.81
CA SER A 37 25.45 1.80 5.25
C SER A 37 24.56 1.14 6.34
N THR A 38 25.17 0.83 7.48
CA THR A 38 24.43 0.16 8.55
C THR A 38 23.29 0.99 8.99
N PHE A 39 23.47 2.30 9.02
CA PHE A 39 22.46 3.25 9.52
C PHE A 39 21.29 3.35 8.47
N ASN A 40 21.67 3.31 7.18
CA ASN A 40 20.67 3.24 6.11
C ASN A 40 19.87 1.91 6.20
N VAL A 41 20.48 0.75 6.40
CA VAL A 41 19.79 -0.52 6.64
C VAL A 41 18.76 -0.28 7.81
N GLY A 42 19.25 0.34 8.88
CA GLY A 42 18.41 0.67 10.07
C GLY A 42 17.21 1.54 9.74
N LEU A 43 17.37 2.49 8.86
CA LEU A 43 16.25 3.36 8.50
C LEU A 43 15.18 2.55 7.80
N HIS A 44 15.61 1.58 6.97
CA HIS A 44 14.65 0.79 6.18
C HIS A 44 13.97 -0.15 7.16
N ALA A 45 14.66 -0.50 8.25
CA ALA A 45 14.01 -1.36 9.22
C ALA A 45 12.99 -0.55 10.04
N LEU A 46 13.22 0.74 10.30
CA LEU A 46 12.20 1.55 11.00
C LEU A 46 10.98 1.78 10.10
N LEU A 47 11.21 2.03 8.81
CA LEU A 47 10.09 2.16 7.87
C LEU A 47 9.23 0.86 7.86
N ARG A 48 9.85 -0.29 7.86
CA ARG A 48 9.18 -1.57 7.90
C ARG A 48 8.21 -1.70 9.13
N GLU A 49 8.58 -1.04 10.24
CA GLU A 49 7.69 -1.09 11.46
C GLU A 49 6.34 -0.33 11.24
N CYS A 50 6.29 0.47 10.20
CA CYS A 50 5.08 1.24 9.90
C CYS A 50 4.26 0.56 8.81
N SER A 51 4.69 -0.62 8.38
CA SER A 51 4.07 -1.27 7.21
C SER A 51 2.61 -1.72 7.39
N PHE A 52 2.26 -2.23 8.57
CA PHE A 52 0.82 -2.58 8.81
C PHE A 52 0.02 -1.29 8.70
N ASN A 53 0.52 -0.19 9.26
CA ASN A 53 -0.16 1.14 9.22
C ASN A 53 -0.30 1.69 7.79
N PHE A 54 0.73 1.48 6.95
CA PHE A 54 0.58 1.82 5.51
C PHE A 54 -0.66 1.11 4.93
N PHE A 55 -0.87 -0.19 5.19
CA PHE A 55 -2.01 -0.88 4.69
C PHE A 55 -3.30 -0.30 5.29
N LEU A 56 -3.28 -0.10 6.62
CA LEU A 56 -4.54 0.39 7.27
C LEU A 56 -4.91 1.79 6.77
N LEU A 57 -3.91 2.64 6.55
CA LEU A 57 -4.21 3.98 6.02
C LEU A 57 -4.76 3.91 4.58
N GLY A 58 -4.30 2.93 3.78
CA GLY A 58 -4.57 3.01 2.36
C GLY A 58 -5.74 2.18 1.91
N GLU A 59 -6.24 1.25 2.74
CA GLU A 59 -7.28 0.34 2.24
C GLU A 59 -8.58 0.14 3.03
N PRO A 60 -8.53 -0.30 4.31
CA PRO A 60 -9.81 -0.85 4.88
C PRO A 60 -10.96 0.14 5.25
N ARG A 61 -10.70 1.44 5.11
CA ARG A 61 -11.84 2.44 5.22
C ARG A 61 -12.75 2.40 4.01
N ALA A 62 -12.33 1.68 2.96
CA ALA A 62 -13.09 1.72 1.67
C ALA A 62 -14.07 0.52 1.64
N ASP A 63 -14.33 -0.07 0.48
CA ASP A 63 -15.49 -0.95 0.30
C ASP A 63 -15.20 -2.46 0.30
N ILE A 64 -13.96 -2.84 0.54
CA ILE A 64 -13.60 -4.25 0.35
C ILE A 64 -14.06 -5.11 1.54
N TYR A 65 -14.11 -4.51 2.74
CA TYR A 65 -14.42 -5.28 3.98
C TYR A 65 -15.73 -4.81 4.59
N GLY A 66 -16.09 -5.45 5.69
CA GLY A 66 -17.27 -4.99 6.46
C GLY A 66 -18.28 -6.08 6.79
N ASP A 67 -18.15 -7.27 6.21
CA ASP A 67 -19.06 -8.38 6.53
C ASP A 67 -18.57 -9.03 7.83
N VAL A 68 -19.36 -9.97 8.38
CA VAL A 68 -19.06 -10.64 9.68
C VAL A 68 -18.02 -11.77 9.37
N PRO A 69 -16.92 -11.85 10.16
CA PRO A 69 -15.97 -12.97 9.92
C PRO A 69 -16.69 -14.33 9.79
N PHE A 70 -16.48 -15.08 8.71
CA PHE A 70 -17.37 -16.26 8.43
C PHE A 70 -17.30 -17.32 9.55
N GLY A 71 -16.13 -17.42 10.16
CA GLY A 71 -15.80 -18.54 11.14
C GLY A 71 -16.24 -18.22 12.55
N GLY A 72 -16.74 -17.00 12.76
CA GLY A 72 -17.23 -16.69 14.14
C GLY A 72 -16.48 -15.67 14.95
N GLU A 73 -15.34 -15.24 14.46
CA GLU A 73 -14.59 -14.30 15.25
C GLU A 73 -15.34 -13.02 15.54
N ALA A 74 -15.04 -12.46 16.69
CA ALA A 74 -15.34 -11.08 16.94
C ALA A 74 -14.39 -10.17 16.20
N THR A 75 -14.90 -9.02 15.80
CA THR A 75 -14.02 -8.02 15.14
C THR A 75 -13.26 -7.11 16.08
N GLN A 76 -13.72 -6.94 17.35
CA GLN A 76 -12.93 -6.29 18.43
C GLN A 76 -12.46 -4.90 18.10
N GLY A 77 -13.26 -4.16 17.31
CA GLY A 77 -12.90 -2.73 16.99
C GLY A 77 -12.41 -2.54 15.56
N MET A 78 -11.98 -3.61 14.93
CA MET A 78 -11.49 -3.45 13.55
C MET A 78 -12.63 -3.03 12.59
N GLU A 79 -13.87 -3.42 12.89
CA GLU A 79 -15.02 -2.95 12.09
C GLU A 79 -15.16 -1.46 12.00
N ARG A 80 -14.53 -0.74 12.93
CA ARG A 80 -14.59 0.73 12.86
C ARG A 80 -13.99 1.31 11.58
N LEU A 81 -13.07 0.56 10.97
CA LEU A 81 -12.50 1.02 9.69
C LEU A 81 -13.53 0.92 8.54
N PRO A 82 -14.00 -0.31 8.17
CA PRO A 82 -15.02 -0.36 7.07
C PRO A 82 -16.30 0.39 7.39
N PHE A 83 -16.63 0.48 8.66
CA PHE A 83 -17.88 1.23 9.02
C PHE A 83 -17.65 2.72 9.16
N ASN A 84 -16.36 3.18 9.15
CA ASN A 84 -16.05 4.63 9.25
C ASN A 84 -16.69 5.23 10.52
N THR A 85 -16.54 4.46 11.58
CA THR A 85 -17.01 4.89 12.91
C THR A 85 -15.85 5.20 13.87
N ILE A 86 -14.60 5.22 13.38
CA ILE A 86 -13.52 5.80 14.15
C ILE A 86 -13.87 7.22 14.62
N ASN A 87 -13.37 7.53 15.81
CA ASN A 87 -13.65 8.83 16.42
C ASN A 87 -12.70 9.16 17.50
N LYS A 88 -13.00 10.21 18.26
CA LYS A 88 -11.99 10.68 19.22
C LYS A 88 -11.72 9.66 20.34
N GLU A 89 -12.68 8.80 20.64
CA GLU A 89 -12.44 7.74 21.64
C GLU A 89 -11.74 6.48 21.14
N ASN A 90 -11.98 6.12 19.88
CA ASN A 90 -11.38 4.94 19.27
C ASN A 90 -10.97 5.34 17.85
N THR A 91 -9.70 5.72 17.72
CA THR A 91 -9.18 6.38 16.50
C THR A 91 -8.76 5.37 15.45
N GLY A 92 -8.71 4.10 15.78
CA GLY A 92 -8.32 3.03 14.78
C GLY A 92 -6.79 2.92 14.68
N ILE A 93 -6.11 4.02 14.45
CA ILE A 93 -4.64 4.08 14.51
C ILE A 93 -4.23 5.20 15.46
N SER A 94 -3.16 5.03 16.23
CA SER A 94 -2.72 6.08 17.17
C SER A 94 -1.39 6.65 16.78
N ASN A 95 -1.06 7.80 17.37
CA ASN A 95 0.28 8.39 17.39
C ASN A 95 0.83 8.58 15.93
N PHE A 96 0.00 9.08 15.01
CA PHE A 96 0.41 9.35 13.63
C PHE A 96 1.08 8.16 13.01
N ALA A 97 0.59 6.95 13.36
CA ALA A 97 0.96 5.67 12.78
C ALA A 97 2.44 5.35 13.10
N GLY A 98 3.02 6.05 14.11
CA GLY A 98 4.41 5.73 14.48
C GLY A 98 5.39 6.40 13.52
N MET A 99 4.93 7.27 12.65
CA MET A 99 5.80 7.81 11.57
C MET A 99 6.90 8.77 12.03
N TYR A 100 6.63 9.49 13.12
CA TYR A 100 7.57 10.55 13.55
C TYR A 100 8.88 9.99 14.08
N LYS A 101 8.81 8.79 14.64
CA LYS A 101 9.99 8.11 15.14
C LYS A 101 10.94 7.85 13.95
N VAL A 102 10.33 7.46 12.80
CA VAL A 102 11.12 7.15 11.57
C VAL A 102 11.69 8.39 11.00
N ILE A 103 10.86 9.45 10.88
CA ILE A 103 11.25 10.74 10.38
C ILE A 103 12.42 11.30 11.23
N ASN A 104 12.31 11.21 12.56
CA ASN A 104 13.44 11.74 13.38
C ASN A 104 14.80 11.15 13.01
N GLN A 105 14.82 9.86 12.80
CA GLN A 105 16.06 9.14 12.45
C GLN A 105 16.55 9.44 11.04
N ILE A 106 15.61 9.60 10.11
CA ILE A 106 16.01 10.10 8.80
C ILE A 106 16.63 11.45 8.89
N ASN A 107 16.10 12.28 9.77
CA ASN A 107 16.60 13.62 9.86
C ASN A 107 18.12 13.60 10.32
N LEU A 108 18.43 12.65 11.18
CA LEU A 108 19.81 12.36 11.72
C LEU A 108 20.68 11.91 10.55
N MET A 109 20.18 10.94 9.77
CA MET A 109 20.95 10.48 8.54
C MET A 109 21.25 11.63 7.63
N ILE A 110 20.26 12.46 7.36
CA ILE A 110 20.44 13.58 6.51
C ILE A 110 21.53 14.55 6.99
N ALA A 111 21.49 14.92 8.30
CA ALA A 111 22.50 15.88 8.81
C ALA A 111 23.87 15.18 8.78
N LYS A 112 23.94 13.92 9.14
CA LYS A 112 25.28 13.26 9.22
C LYS A 112 25.89 13.15 7.82
N THR A 113 25.04 12.81 6.85
CA THR A 113 25.53 12.72 5.46
C THR A 113 25.88 14.04 4.88
N LYS A 114 25.13 15.09 5.14
CA LYS A 114 25.56 16.40 4.67
C LYS A 114 26.91 16.88 5.26
N GLU A 115 27.24 16.40 6.46
CA GLU A 115 28.42 16.87 7.23
C GLU A 115 29.69 16.02 7.04
N THR A 116 29.56 14.87 6.40
CA THR A 116 30.64 13.90 6.48
C THR A 116 31.85 14.31 5.65
N THR A 117 32.97 13.74 6.03
CA THR A 117 34.19 13.82 5.19
C THR A 117 34.69 12.47 4.76
N VAL A 118 33.87 11.44 4.98
CA VAL A 118 34.31 10.07 4.75
C VAL A 118 33.67 9.42 3.55
N LEU A 119 32.58 9.98 3.03
CA LEU A 119 31.89 9.29 1.90
C LEU A 119 32.30 9.84 0.53
N SER A 120 32.24 8.99 -0.50
CA SER A 120 32.33 9.55 -1.89
C SER A 120 31.15 10.47 -2.16
N GLU A 121 31.32 11.42 -3.07
CA GLU A 121 30.28 12.38 -3.39
C GLU A 121 29.09 11.60 -3.97
N ALA A 122 29.36 10.63 -4.85
CA ALA A 122 28.31 9.75 -5.39
C ALA A 122 27.55 9.01 -4.29
N GLY A 123 28.29 8.51 -3.27
CA GLY A 123 27.70 7.61 -2.28
C GLY A 123 26.90 8.49 -1.35
N LYS A 124 27.44 9.66 -0.98
CA LYS A 124 26.73 10.57 -0.09
C LYS A 124 25.42 11.03 -0.74
N ASN A 125 25.49 11.29 -2.04
CA ASN A 125 24.31 11.76 -2.75
C ASN A 125 23.28 10.62 -2.89
N TYR A 126 23.68 9.36 -3.09
CA TYR A 126 22.71 8.30 -3.18
C TYR A 126 22.01 8.17 -1.82
N TYR A 127 22.79 8.30 -0.73
CA TYR A 127 22.11 8.19 0.58
C TYR A 127 21.11 9.31 0.76
N LEU A 128 21.44 10.53 0.33
CA LEU A 128 20.53 11.65 0.41
C LEU A 128 19.31 11.43 -0.48
N GLY A 129 19.51 10.87 -1.65
CA GLY A 129 18.33 10.43 -2.46
C GLY A 129 17.41 9.52 -1.70
N GLU A 130 17.94 8.51 -1.02
CA GLU A 130 17.10 7.56 -0.29
C GLU A 130 16.41 8.25 0.89
N ALA A 131 17.17 9.07 1.64
CA ALA A 131 16.63 9.60 2.88
C ALA A 131 15.60 10.67 2.60
N TYR A 132 15.84 11.63 1.69
CA TYR A 132 14.83 12.62 1.31
C TYR A 132 13.57 11.97 0.71
N GLY A 133 13.79 10.90 -0.11
CA GLY A 133 12.62 10.13 -0.70
C GLY A 133 11.76 9.53 0.39
N MET A 134 12.38 8.88 1.35
CA MET A 134 11.63 8.24 2.44
C MET A 134 10.92 9.27 3.29
N ARG A 135 11.56 10.42 3.51
CA ARG A 135 10.94 11.42 4.36
C ARG A 135 9.71 12.01 3.66
N ALA A 136 9.80 12.25 2.36
CA ALA A 136 8.65 12.70 1.57
C ALA A 136 7.50 11.62 1.54
N TYR A 137 7.87 10.35 1.46
CA TYR A 137 6.93 9.23 1.46
C TYR A 137 6.09 9.19 2.75
N LEU A 138 6.81 9.30 3.88
CA LEU A 138 6.11 9.39 5.17
C LEU A 138 5.28 10.65 5.31
N TYR A 139 5.76 11.87 4.93
CA TYR A 139 4.91 13.06 5.05
C TYR A 139 3.67 12.95 4.14
N PHE A 140 3.80 12.25 2.97
CA PHE A 140 2.64 12.17 2.09
C PHE A 140 1.53 11.26 2.68
N HIS A 141 1.88 10.17 3.38
CA HIS A 141 0.85 9.40 4.20
C HIS A 141 0.23 10.34 5.23
N LEU A 142 1.06 11.19 5.88
CA LEU A 142 0.51 12.08 6.93
C LEU A 142 -0.41 13.13 6.35
N LEU A 143 -0.09 13.65 5.18
CA LEU A 143 -0.88 14.67 4.59
C LEU A 143 -2.26 14.09 4.20
N ARG A 144 -2.26 12.93 3.54
CA ARG A 144 -3.52 12.42 3.04
C ARG A 144 -4.38 11.87 4.19
N SER A 145 -3.76 11.56 5.33
CA SER A 145 -4.49 10.86 6.45
C SER A 145 -4.89 11.84 7.55
N TRP A 146 -3.96 12.70 7.97
CA TRP A 146 -4.26 13.69 9.04
C TRP A 146 -4.37 15.15 8.57
N GLY A 147 -3.83 15.50 7.39
CA GLY A 147 -4.03 16.86 6.82
C GLY A 147 -2.97 17.84 7.24
N ASP A 148 -3.33 18.77 8.15
CA ASP A 148 -2.33 19.60 8.83
C ASP A 148 -1.53 18.82 9.87
N VAL A 149 -0.20 18.79 9.75
CA VAL A 149 0.61 17.97 10.65
C VAL A 149 1.90 18.74 10.96
N ILE A 150 2.57 18.36 12.01
CA ILE A 150 3.79 19.05 12.45
C ILE A 150 4.90 18.68 11.45
N LEU A 151 5.69 19.68 11.07
CA LEU A 151 6.89 19.45 10.19
C LEU A 151 8.14 19.44 11.05
N TYR A 152 8.65 18.27 11.38
CA TYR A 152 9.92 18.06 12.12
C TYR A 152 10.97 17.69 11.06
N LEU A 153 11.96 18.58 10.90
CA LEU A 153 13.05 18.45 9.90
C LEU A 153 14.47 18.23 10.50
N ASP A 154 14.63 18.46 11.82
CA ASP A 154 15.91 18.22 12.55
C ASP A 154 15.86 17.07 13.54
N TYR A 155 16.97 16.37 13.75
CA TYR A 155 17.02 15.29 14.73
C TYR A 155 16.96 15.90 16.14
N THR A 156 16.19 15.26 17.01
CA THR A 156 16.14 15.61 18.46
C THR A 156 16.29 14.27 19.22
N ASN A 157 17.06 14.22 20.31
CA ASN A 157 17.25 12.91 20.99
C ASN A 157 16.08 12.43 21.86
N SER A 167 4.08 22.09 23.04
CA SER A 167 5.27 22.67 22.41
C SER A 167 5.12 23.03 20.91
N LYS A 168 4.84 22.07 20.02
CA LYS A 168 4.88 22.38 18.56
C LYS A 168 3.57 22.31 17.77
N ALA A 169 3.23 23.40 17.10
CA ALA A 169 1.99 23.46 16.32
C ALA A 169 2.15 22.79 14.94
N ALA A 170 1.06 22.21 14.44
CA ALA A 170 1.06 21.60 13.10
C ALA A 170 1.12 22.71 12.04
N SER A 171 1.68 22.40 10.86
CA SER A 171 1.61 23.29 9.72
C SER A 171 0.39 22.95 8.87
N PRO A 172 -0.19 23.96 8.20
CA PRO A 172 -1.29 23.78 7.25
C PRO A 172 -0.86 22.75 6.19
N ALA A 173 -1.83 21.99 5.77
CA ALA A 173 -1.65 21.00 4.68
C ALA A 173 -0.91 21.59 3.47
N GLU A 174 -1.18 22.84 3.09
CA GLU A 174 -0.53 23.47 1.94
C GLU A 174 1.00 23.60 2.19
N GLU A 175 1.40 23.87 3.41
CA GLU A 175 2.85 23.89 3.73
C GLU A 175 3.49 22.51 3.83
N VAL A 176 2.71 21.51 4.24
CA VAL A 176 3.16 20.10 4.28
C VAL A 176 3.46 19.71 2.85
N MET A 177 2.55 20.04 1.94
CA MET A 177 2.72 19.67 0.52
C MET A 177 3.97 20.39 -0.04
N LYS A 178 4.19 21.66 0.36
CA LYS A 178 5.41 22.35 -0.08
C LYS A 178 6.68 21.58 0.35
N GLN A 179 6.70 21.09 1.58
CA GLN A 179 7.86 20.41 2.11
C GLN A 179 8.04 19.10 1.35
N ILE A 180 6.92 18.42 1.01
CA ILE A 180 7.04 17.07 0.38
C ILE A 180 7.70 17.27 -0.98
N LYS A 181 7.22 18.28 -1.71
CA LYS A 181 7.75 18.64 -3.03
C LYS A 181 9.21 19.06 -2.95
N GLU A 182 9.59 19.87 -1.93
CA GLU A 182 11.03 20.15 -1.71
C GLU A 182 11.89 18.91 -1.45
N ASP A 183 11.38 17.96 -0.66
CA ASP A 183 12.10 16.76 -0.39
C ASP A 183 12.22 15.88 -1.67
N ILE A 184 11.16 15.88 -2.50
CA ILE A 184 11.22 15.11 -3.80
C ILE A 184 12.37 15.71 -4.65
N THR A 185 12.39 17.02 -4.77
CA THR A 185 13.46 17.68 -5.53
C THR A 185 14.81 17.41 -4.91
N ALA A 186 14.96 17.42 -3.60
CA ALA A 186 16.27 17.08 -3.01
C ALA A 186 16.64 15.61 -3.25
N SER A 187 15.66 14.69 -3.20
CA SER A 187 15.90 13.28 -3.50
C SER A 187 16.41 13.10 -4.96
N GLU A 188 15.73 13.73 -5.91
CA GLU A 188 16.12 13.68 -7.32
C GLU A 188 17.51 14.23 -7.49
N LYS A 189 17.79 15.34 -6.80
CA LYS A 189 19.15 15.91 -6.88
C LYS A 189 20.17 14.88 -6.42
N GLY A 190 19.86 14.10 -5.35
CA GLY A 190 20.82 13.14 -4.82
C GLY A 190 21.05 12.02 -5.83
N PHE A 191 19.96 11.49 -6.41
CA PHE A 191 20.18 10.42 -7.35
C PHE A 191 20.79 10.81 -8.67
N GLY A 192 20.56 12.03 -9.09
CA GLY A 192 21.04 12.53 -10.41
C GLY A 192 20.33 11.76 -11.53
N SER A 193 21.12 11.15 -12.42
CA SER A 193 20.54 10.32 -13.43
C SER A 193 20.65 8.83 -13.13
N ASP A 194 20.95 8.44 -11.86
CA ASP A 194 21.14 7.02 -11.55
C ASP A 194 19.77 6.39 -11.24
N TYR A 195 19.23 5.61 -12.17
CA TYR A 195 17.99 4.85 -11.92
C TYR A 195 18.24 3.42 -11.50
N SER A 196 19.48 3.09 -11.10
CA SER A 196 19.73 1.72 -10.71
C SER A 196 19.10 1.44 -9.33
N PHE A 197 18.86 0.17 -9.06
CA PHE A 197 18.50 -0.19 -7.67
C PHE A 197 19.82 -0.56 -6.93
N LYS A 198 20.52 0.45 -6.49
CA LYS A 198 21.91 0.21 -5.98
C LYS A 198 21.96 -0.81 -4.88
N TYR A 199 20.96 -0.77 -3.97
CA TYR A 199 20.91 -1.68 -2.85
C TYR A 199 19.80 -2.73 -3.02
N GLY A 200 19.20 -2.77 -4.21
CA GLY A 200 18.16 -3.74 -4.44
C GLY A 200 16.76 -3.09 -4.31
N ARG A 201 15.75 -3.87 -4.66
CA ARG A 201 14.34 -3.34 -4.74
C ARG A 201 13.66 -3.23 -3.37
N TYR A 202 14.39 -3.63 -2.31
CA TYR A 202 13.90 -3.40 -0.95
C TYR A 202 14.57 -2.24 -0.26
N TYR A 203 15.25 -1.36 -1.02
CA TYR A 203 15.79 -0.09 -0.59
C TYR A 203 15.29 0.98 -1.49
N TRP A 204 15.19 2.20 -0.97
CA TRP A 204 14.70 3.29 -1.78
C TRP A 204 15.64 3.61 -2.97
N SER A 205 15.10 4.09 -4.07
CA SER A 205 15.89 4.28 -5.34
C SER A 205 15.23 5.44 -6.10
N MET A 206 15.85 5.88 -7.20
CA MET A 206 15.21 6.89 -8.03
C MET A 206 13.81 6.50 -8.54
N ALA A 207 13.62 5.25 -8.94
CA ALA A 207 12.29 4.87 -9.46
C ALA A 207 11.22 5.01 -8.36
N ALA A 208 11.56 4.72 -7.10
CA ALA A 208 10.61 4.92 -6.01
C ALA A 208 10.32 6.43 -5.84
N THR A 209 11.35 7.29 -5.92
CA THR A 209 11.11 8.73 -5.87
C THR A 209 10.21 9.15 -6.99
N GLN A 210 10.42 8.60 -8.20
CA GLN A 210 9.57 9.02 -9.34
C GLN A 210 8.10 8.52 -9.19
N MET A 211 7.92 7.33 -8.58
CA MET A 211 6.55 6.86 -8.35
C MET A 211 5.86 7.82 -7.33
N LEU A 212 6.57 8.17 -6.22
CA LEU A 212 5.99 9.02 -5.23
C LEU A 212 5.72 10.39 -5.88
N LYS A 213 6.66 10.88 -6.73
CA LYS A 213 6.46 12.12 -7.45
C LYS A 213 5.17 12.05 -8.27
N GLY A 214 4.95 10.94 -9.00
CA GLY A 214 3.67 10.79 -9.77
C GLY A 214 2.48 10.91 -8.80
N GLU A 215 2.47 10.16 -7.71
CA GLU A 215 1.30 10.22 -6.80
C GLU A 215 1.12 11.65 -6.22
N VAL A 216 2.23 12.32 -5.85
CA VAL A 216 2.19 13.57 -5.13
C VAL A 216 1.68 14.66 -6.07
N TYR A 217 2.15 14.65 -7.33
CA TYR A 217 1.65 15.66 -8.23
C TYR A 217 0.24 15.39 -8.77
N LEU A 218 -0.21 14.15 -8.88
CA LEU A 218 -1.63 13.89 -9.06
C LEU A 218 -2.47 14.43 -7.90
N TRP A 219 -2.03 14.19 -6.65
CA TRP A 219 -2.76 14.70 -5.44
C TRP A 219 -2.73 16.24 -5.45
N SER A 220 -1.58 16.83 -5.72
CA SER A 220 -1.46 18.31 -5.78
C SER A 220 -2.46 18.81 -6.83
N GLY A 221 -2.49 18.16 -8.00
CA GLY A 221 -3.20 18.66 -9.15
C GLY A 221 -4.72 18.55 -8.97
N ARG A 222 -5.14 17.44 -8.37
CA ARG A 222 -6.56 17.09 -8.25
C ARG A 222 -7.18 17.51 -6.92
N GLN A 223 -6.46 17.34 -5.81
CA GLN A 223 -7.00 17.67 -4.46
C GLN A 223 -6.59 19.06 -3.95
N MET A 224 -5.54 19.68 -4.52
CA MET A 224 -5.02 20.97 -4.00
C MET A 224 -4.91 22.03 -5.06
N GLY A 225 -5.74 21.94 -6.08
CA GLY A 225 -5.92 23.00 -7.10
C GLY A 225 -4.76 23.24 -8.05
N GLY A 226 -3.86 22.27 -8.20
CA GLY A 226 -2.76 22.47 -9.15
C GLY A 226 -3.07 22.33 -10.63
N GLY A 227 -4.13 21.60 -10.94
CA GLY A 227 -4.55 21.31 -12.31
C GLY A 227 -3.54 20.70 -13.30
N THR A 228 -3.73 21.06 -14.56
CA THR A 228 -2.99 20.51 -15.71
C THR A 228 -1.47 20.49 -15.50
N ALA A 229 -0.90 21.57 -14.96
CA ALA A 229 0.55 21.69 -14.86
C ALA A 229 1.06 20.55 -13.98
N ASP A 230 0.34 20.28 -12.89
CA ASP A 230 0.77 19.19 -12.00
C ASP A 230 0.56 17.81 -12.60
N TYR A 231 -0.55 17.59 -13.30
CA TYR A 231 -0.76 16.31 -14.02
C TYR A 231 0.34 16.05 -15.05
N THR A 232 0.82 17.10 -15.73
CA THR A 232 1.96 16.97 -16.66
C THR A 232 3.24 16.57 -15.90
N THR A 233 3.53 17.23 -14.77
CA THR A 233 4.68 16.83 -13.95
C THR A 233 4.59 15.32 -13.59
N ALA A 234 3.39 14.91 -13.18
CA ALA A 234 3.24 13.51 -12.75
C ALA A 234 3.46 12.56 -13.95
N LYS A 235 2.90 12.94 -15.12
CA LYS A 235 3.06 12.11 -16.32
C LYS A 235 4.53 11.96 -16.68
N THR A 236 5.28 13.07 -16.64
CA THR A 236 6.71 13.08 -17.02
C THR A 236 7.53 12.19 -16.05
N ALA A 237 7.14 12.22 -14.77
CA ALA A 237 7.86 11.35 -13.77
C ALA A 237 7.63 9.87 -14.08
N LEU A 238 6.35 9.49 -14.32
CA LEU A 238 6.01 8.06 -14.50
C LEU A 238 6.63 7.62 -15.81
N GLN A 239 6.66 8.51 -16.81
CA GLN A 239 7.27 8.17 -18.13
C GLN A 239 8.77 7.89 -17.96
N SER A 240 9.38 8.57 -17.01
CA SER A 240 10.85 8.41 -16.74
C SER A 240 11.13 7.00 -16.16
N ILE A 241 10.15 6.41 -15.44
CA ILE A 241 10.32 5.02 -14.97
C ILE A 241 10.21 4.03 -16.11
N VAL A 242 9.20 4.25 -16.96
CA VAL A 242 9.01 3.40 -18.19
C VAL A 242 10.29 3.45 -19.04
N SER A 243 10.93 4.63 -19.15
CA SER A 243 12.09 4.72 -20.02
CA SER A 243 12.12 4.76 -20.01
C SER A 243 13.33 4.18 -19.35
N ASN A 244 13.59 4.65 -18.12
CA ASN A 244 14.97 4.45 -17.54
C ASN A 244 15.19 3.36 -16.51
N ALA A 245 14.11 2.84 -15.95
CA ALA A 245 14.28 1.86 -14.89
C ALA A 245 14.19 0.44 -15.40
N ASN A 246 14.91 -0.49 -14.73
CA ASN A 246 14.79 -1.89 -15.18
C ASN A 246 13.54 -2.58 -14.55
N VAL A 247 12.42 -2.44 -15.23
CA VAL A 247 11.15 -2.94 -14.73
C VAL A 247 10.37 -3.60 -15.83
N SER A 248 9.56 -4.59 -15.48
CA SER A 248 8.79 -5.34 -16.43
C SER A 248 7.63 -5.97 -15.67
N LEU A 249 6.49 -6.14 -16.33
CA LEU A 249 5.47 -7.03 -15.76
C LEU A 249 5.85 -8.51 -15.71
N GLN A 250 5.68 -9.16 -14.55
CA GLN A 250 5.80 -10.62 -14.51
C GLN A 250 4.68 -11.25 -15.41
N ASP A 251 4.97 -12.33 -16.16
CA ASP A 251 3.96 -12.99 -16.96
C ASP A 251 2.87 -13.57 -16.05
N ASP A 252 3.25 -14.05 -14.86
CA ASP A 252 2.34 -14.72 -13.91
C ASP A 252 2.04 -13.75 -12.75
N PHE A 253 0.80 -13.28 -12.70
CA PHE A 253 0.41 -12.38 -11.58
C PHE A 253 0.72 -13.02 -10.23
N SER A 254 0.42 -14.30 -10.00
CA SER A 254 0.72 -14.84 -8.67
C SER A 254 2.21 -14.84 -8.26
N LYS A 255 3.11 -14.93 -9.26
CA LYS A 255 4.54 -14.97 -8.97
C LYS A 255 5.07 -13.60 -8.58
N VAL A 256 4.28 -12.51 -8.78
CA VAL A 256 4.70 -11.20 -8.24
C VAL A 256 4.91 -11.27 -6.71
N PHE A 257 4.10 -12.13 -6.08
CA PHE A 257 4.01 -12.15 -4.60
C PHE A 257 4.65 -13.36 -3.97
N ALA A 258 5.24 -14.24 -4.78
CA ALA A 258 5.79 -15.55 -4.25
C ALA A 258 7.05 -15.37 -3.37
N TYR A 259 7.13 -16.16 -2.26
CA TYR A 259 8.22 -16.08 -1.23
C TYR A 259 9.63 -16.11 -1.87
N ASN A 260 9.73 -16.93 -2.89
CA ASN A 260 11.02 -17.16 -3.58
C ASN A 260 11.41 -16.08 -4.58
N ASN A 261 10.42 -15.29 -4.99
CA ASN A 261 10.57 -14.49 -6.19
C ASN A 261 10.67 -13.04 -5.83
N LYS A 262 11.13 -12.81 -4.63
CA LYS A 262 11.33 -11.48 -4.25
C LYS A 262 12.46 -11.17 -5.23
N ASP A 263 12.80 -9.92 -5.31
CA ASP A 263 13.80 -9.42 -6.22
C ASP A 263 13.33 -9.42 -7.69
N ASN A 264 12.06 -9.82 -7.99
CA ASN A 264 11.60 -9.87 -9.42
C ASN A 264 11.47 -8.47 -10.00
N SER A 265 11.59 -8.37 -11.33
CA SER A 265 11.76 -7.04 -11.84
C SER A 265 10.44 -6.26 -12.04
N GLU A 266 9.31 -6.78 -11.54
CA GLU A 266 8.13 -5.90 -11.43
C GLU A 266 8.18 -4.99 -10.17
N ILE A 267 9.02 -5.36 -9.19
CA ILE A 267 9.05 -4.57 -7.93
C ILE A 267 9.91 -3.34 -8.06
N ILE A 268 9.34 -2.20 -7.69
CA ILE A 268 10.06 -0.94 -7.63
C ILE A 268 10.50 -0.70 -6.21
N PHE A 269 9.57 -0.83 -5.23
CA PHE A 269 10.07 -0.72 -3.81
C PHE A 269 9.17 -1.62 -2.93
N SER A 270 9.76 -2.52 -2.14
CA SER A 270 8.97 -3.45 -1.30
C SER A 270 9.53 -3.44 0.07
N ILE A 271 8.66 -3.69 1.05
CA ILE A 271 9.09 -3.90 2.46
C ILE A 271 9.50 -5.32 2.58
N ARG A 272 10.78 -5.59 2.96
CA ARG A 272 11.28 -6.92 3.08
C ARG A 272 11.01 -7.44 4.50
N ASN A 273 10.28 -8.52 4.50
CA ASN A 273 9.97 -9.36 5.65
C ASN A 273 10.82 -10.65 5.49
N ALA A 274 11.22 -11.23 6.62
CA ALA A 274 12.14 -12.35 6.47
C ALA A 274 12.15 -13.14 7.78
N LYS A 275 12.33 -14.44 7.66
CA LYS A 275 12.73 -15.32 8.81
C LYS A 275 13.62 -14.61 9.82
N ASP A 276 13.21 -14.67 11.08
CA ASP A 276 14.04 -14.24 12.20
C ASP A 276 14.35 -12.77 12.18
N GLU A 277 13.71 -12.07 11.24
CA GLU A 277 13.92 -10.64 11.16
C GLU A 277 12.60 -9.91 11.39
N TYR A 278 11.57 -10.27 10.64
CA TYR A 278 10.27 -9.57 10.77
C TYR A 278 9.18 -10.36 10.08
N ASN A 279 8.08 -10.63 10.78
CA ASN A 279 6.92 -11.23 10.13
C ASN A 279 6.09 -10.10 9.47
N MET A 280 5.40 -10.49 8.43
CA MET A 280 4.63 -9.49 7.59
C MET A 280 3.70 -8.71 8.52
N TRP A 281 3.81 -7.39 8.47
CA TRP A 281 3.02 -6.51 9.32
C TRP A 281 3.22 -6.79 10.82
N ASP A 282 4.43 -7.21 11.19
CA ASP A 282 4.71 -7.56 12.63
C ASP A 282 3.64 -8.52 13.20
N ASP A 283 3.30 -9.56 12.43
CA ASP A 283 2.35 -10.62 12.70
C ASP A 283 0.89 -10.17 12.56
N ARG A 284 0.67 -8.92 12.17
CA ARG A 284 -0.74 -8.49 12.03
C ARG A 284 -1.43 -8.84 10.71
N PHE A 285 -0.70 -9.30 9.70
CA PHE A 285 -1.40 -9.94 8.65
C PHE A 285 -2.06 -11.27 9.15
N ARG A 286 -1.24 -12.14 9.78
CA ARG A 286 -1.79 -13.35 10.30
C ARG A 286 -2.97 -13.13 11.26
N GLN A 287 -2.82 -12.13 12.13
CA GLN A 287 -3.80 -11.84 13.21
C GLN A 287 -5.10 -11.18 12.66
N ASN A 288 -5.17 -10.75 11.37
CA ASN A 288 -6.40 -10.08 10.84
C ASN A 288 -7.04 -10.69 9.62
N LEU A 289 -6.23 -11.36 8.76
CA LEU A 289 -6.70 -11.73 7.45
C LEU A 289 -6.47 -13.20 7.11
N VAL A 290 -5.96 -13.98 8.08
CA VAL A 290 -5.68 -15.41 7.84
C VAL A 290 -6.68 -16.20 8.67
N PRO A 291 -7.38 -17.16 8.07
CA PRO A 291 -8.34 -17.97 8.86
C PRO A 291 -7.67 -18.89 9.94
N GLN A 292 -8.52 -19.32 10.87
CA GLN A 292 -8.07 -20.07 12.04
C GLN A 292 -7.96 -21.56 11.73
N GLN A 293 -6.87 -22.21 12.14
CA GLN A 293 -6.71 -23.62 11.80
C GLN A 293 -7.80 -24.46 12.42
N ALA A 294 -8.12 -24.19 13.70
CA ALA A 294 -9.20 -24.97 14.35
C ALA A 294 -10.53 -25.07 13.54
N TYR A 295 -11.17 -23.93 13.17
CA TYR A 295 -12.44 -24.08 12.41
C TYR A 295 -12.27 -24.45 10.96
N MET A 296 -11.10 -24.17 10.37
CA MET A 296 -10.90 -24.54 8.98
C MET A 296 -10.87 -26.08 8.94
N THR A 297 -10.06 -26.66 9.83
CA THR A 297 -9.92 -28.15 9.73
C THR A 297 -11.17 -28.89 10.21
N SER A 298 -11.94 -28.29 11.14
CA SER A 298 -13.11 -28.98 11.73
C SER A 298 -14.39 -28.82 10.91
N THR A 299 -14.53 -27.72 10.19
CA THR A 299 -15.85 -27.40 9.68
C THR A 299 -15.96 -27.17 8.21
N TYR A 300 -14.89 -26.60 7.60
CA TYR A 300 -15.00 -26.11 6.20
C TYR A 300 -14.32 -26.98 5.12
N CYS A 301 -14.67 -26.76 3.86
CA CYS A 301 -14.08 -27.60 2.82
C CYS A 301 -13.88 -26.76 1.54
N ASN A 302 -13.17 -27.31 0.55
CA ASN A 302 -13.06 -26.63 -0.73
C ASN A 302 -14.28 -26.87 -1.59
N LYS A 303 -14.24 -26.42 -2.85
CA LYS A 303 -15.44 -26.53 -3.69
C LYS A 303 -15.83 -27.99 -4.03
N GLU A 304 -14.86 -28.90 -3.92
CA GLU A 304 -15.04 -30.32 -4.28
C GLU A 304 -15.50 -31.15 -3.05
N GLY A 305 -15.65 -30.49 -1.91
CA GLY A 305 -16.14 -31.17 -0.72
C GLY A 305 -15.04 -31.76 0.14
N VAL A 306 -13.78 -31.41 -0.15
CA VAL A 306 -12.64 -31.96 0.56
C VAL A 306 -12.31 -31.08 1.79
N SER A 307 -12.32 -31.68 2.98
CA SER A 307 -12.07 -30.92 4.19
C SER A 307 -10.70 -30.23 4.13
N PHE A 308 -10.60 -29.00 4.63
CA PHE A 308 -9.27 -28.37 4.66
C PHE A 308 -8.26 -29.10 5.59
N LYS A 309 -8.73 -30.03 6.41
CA LYS A 309 -7.81 -30.87 7.24
C LYS A 309 -6.85 -31.61 6.29
N ASP A 310 -7.37 -31.90 5.10
CA ASP A 310 -6.71 -32.73 4.13
C ASP A 310 -5.94 -31.93 3.06
N LEU A 311 -5.83 -30.59 3.20
CA LEU A 311 -5.30 -29.70 2.12
C LEU A 311 -4.22 -28.79 2.64
N PRO A 312 -3.45 -28.12 1.72
CA PRO A 312 -2.40 -27.20 2.24
C PRO A 312 -2.98 -26.04 3.05
N GLU A 313 -4.19 -25.64 2.73
CA GLU A 313 -4.89 -24.65 3.60
C GLU A 313 -4.93 -24.96 5.11
N GLY A 314 -4.85 -26.27 5.47
CA GLY A 314 -4.92 -26.76 6.86
C GLY A 314 -3.70 -26.26 7.65
N GLN A 315 -2.69 -25.74 6.93
CA GLN A 315 -1.53 -25.08 7.58
C GLN A 315 -1.76 -23.62 7.99
N LEU A 316 -2.83 -22.98 7.53
CA LEU A 316 -3.05 -21.54 7.89
C LEU A 316 -3.57 -21.38 9.29
N ASN A 317 -3.01 -20.49 10.09
CA ASN A 317 -3.54 -20.35 11.43
C ASN A 317 -3.42 -18.95 11.92
N GLY A 318 -4.50 -18.19 11.69
CA GLY A 318 -4.54 -16.82 12.09
C GLY A 318 -5.93 -16.54 12.64
N LEU A 319 -6.33 -15.27 12.54
CA LEU A 319 -7.73 -14.87 12.88
C LEU A 319 -8.25 -13.87 11.83
N ILE A 320 -9.56 -13.93 11.56
CA ILE A 320 -10.13 -12.98 10.64
C ILE A 320 -10.80 -11.92 11.49
N ARG A 321 -10.31 -10.67 11.36
CA ARG A 321 -10.93 -9.51 12.02
C ARG A 321 -11.52 -8.58 10.99
N LEU A 322 -10.93 -8.60 9.80
CA LEU A 322 -11.45 -7.85 8.63
C LEU A 322 -11.92 -8.90 7.65
N GLN A 323 -13.22 -8.93 7.39
CA GLN A 323 -13.84 -9.93 6.49
C GLN A 323 -14.17 -9.27 5.14
N ILE A 324 -13.54 -9.78 4.07
CA ILE A 324 -13.87 -9.34 2.73
C ILE A 324 -15.37 -9.56 2.49
N ARG A 325 -16.02 -8.57 1.89
CA ARG A 325 -17.48 -8.68 1.61
C ARG A 325 -17.72 -10.00 0.82
N TYR A 326 -18.66 -10.81 1.31
CA TYR A 326 -18.89 -12.13 0.68
C TYR A 326 -19.18 -12.06 -0.82
N ASP A 327 -19.96 -11.06 -1.24
CA ASP A 327 -20.32 -10.94 -2.65
C ASP A 327 -19.21 -10.39 -3.53
N LEU A 328 -18.15 -9.83 -2.93
CA LEU A 328 -17.05 -9.26 -3.75
C LEU A 328 -16.34 -10.32 -4.54
N TYR A 329 -16.36 -11.55 -4.07
CA TYR A 329 -15.67 -12.66 -4.65
C TYR A 329 -16.16 -12.91 -6.09
N ASN A 330 -17.47 -12.77 -6.32
CA ASN A 330 -18.05 -12.94 -7.66
C ASN A 330 -18.35 -11.67 -8.43
N LYS A 331 -18.23 -10.53 -7.77
CA LYS A 331 -18.47 -9.24 -8.44
C LYS A 331 -17.21 -8.47 -8.88
N ALA A 332 -16.04 -8.94 -8.49
CA ALA A 332 -14.82 -8.15 -8.75
C ALA A 332 -14.19 -8.39 -10.09
N PHE A 333 -14.31 -9.63 -10.60
CA PHE A 333 -13.47 -10.03 -11.74
C PHE A 333 -14.32 -10.66 -12.84
N ARG A 334 -13.98 -10.29 -14.10
CA ARG A 334 -14.54 -11.02 -15.28
C ARG A 334 -13.98 -12.45 -15.40
N ASP A 335 -14.73 -13.41 -15.97
CA ASP A 335 -14.17 -14.75 -16.14
C ASP A 335 -12.91 -14.69 -16.95
N GLY A 336 -11.95 -15.55 -16.57
CA GLY A 336 -10.66 -15.55 -17.24
C GLY A 336 -9.58 -14.72 -16.58
N ASP A 337 -9.97 -13.79 -15.69
CA ASP A 337 -8.99 -13.01 -14.98
C ASP A 337 -8.25 -13.86 -13.94
N THR A 338 -6.96 -14.06 -14.16
CA THR A 338 -6.12 -14.83 -13.26
C THR A 338 -5.94 -14.21 -11.85
N ARG A 339 -6.28 -12.93 -11.73
CA ARG A 339 -6.09 -12.21 -10.46
C ARG A 339 -7.11 -12.64 -9.41
N LYS A 340 -8.21 -13.26 -9.83
CA LYS A 340 -9.29 -13.66 -8.89
C LYS A 340 -8.78 -14.79 -8.01
N ASP A 341 -8.35 -15.91 -8.59
CA ASP A 341 -7.71 -16.98 -7.83
C ASP A 341 -6.41 -16.66 -7.10
N ALA A 342 -5.59 -15.75 -7.66
CA ALA A 342 -4.37 -15.35 -6.98
C ALA A 342 -4.73 -14.47 -5.77
N SER A 343 -5.85 -13.78 -5.81
CA SER A 343 -6.16 -12.76 -4.76
C SER A 343 -6.99 -13.32 -3.60
N MET A 344 -7.87 -14.27 -3.96
CA MET A 344 -8.84 -14.79 -2.95
C MET A 344 -9.06 -16.29 -3.08
N THR A 345 -9.17 -16.97 -1.92
CA THR A 345 -9.65 -18.36 -1.87
C THR A 345 -11.07 -18.32 -1.31
N ALA A 346 -11.97 -19.09 -1.90
CA ALA A 346 -13.31 -19.31 -1.31
C ALA A 346 -13.36 -20.52 -0.34
N VAL A 347 -14.14 -20.31 0.70
CA VAL A 347 -14.48 -21.31 1.70
C VAL A 347 -15.87 -21.81 1.41
N TYR A 348 -16.04 -23.14 1.60
CA TYR A 348 -17.33 -23.80 1.41
C TYR A 348 -17.64 -24.63 2.65
N GLN A 349 -18.89 -25.08 2.70
CA GLN A 349 -19.35 -25.93 3.80
C GLN A 349 -20.28 -27.05 3.26
N LYS A 350 -19.98 -28.31 3.62
CA LYS A 350 -20.88 -29.44 3.22
C LYS A 350 -22.24 -29.33 3.97
N GLN A 351 -23.32 -29.40 3.21
CA GLN A 351 -24.68 -29.22 3.75
C GLN A 351 -25.24 -30.58 4.19
N GLN A 352 -26.21 -30.58 5.11
CA GLN A 352 -26.80 -31.84 5.61
C GLN A 352 -27.41 -32.60 4.43
N ASP A 353 -28.03 -31.84 3.53
CA ASP A 353 -28.55 -32.37 2.27
C ASP A 353 -27.46 -32.83 1.26
N GLY A 354 -26.17 -32.70 1.63
CA GLY A 354 -25.04 -33.20 0.82
C GLY A 354 -24.35 -32.25 -0.18
N THR A 355 -25.00 -31.11 -0.44
CA THR A 355 -24.47 -30.10 -1.37
C THR A 355 -23.31 -29.34 -0.74
N VAL A 356 -22.49 -28.73 -1.57
CA VAL A 356 -21.39 -27.90 -1.09
C VAL A 356 -21.81 -26.42 -1.31
N LYS A 357 -21.86 -25.64 -0.23
CA LYS A 357 -22.35 -24.28 -0.34
C LYS A 357 -21.21 -23.31 -0.12
N TYR A 358 -21.20 -22.28 -0.94
CA TYR A 358 -20.23 -21.16 -0.80
C TYR A 358 -20.53 -20.33 0.46
N ILE A 359 -19.51 -20.12 1.28
CA ILE A 359 -19.64 -19.37 2.50
C ILE A 359 -19.04 -17.95 2.30
N ALA A 360 -17.74 -17.87 2.01
CA ALA A 360 -17.03 -16.55 2.06
C ALA A 360 -15.61 -16.66 1.56
N PRO A 361 -14.94 -15.51 1.30
CA PRO A 361 -13.57 -15.61 0.79
C PRO A 361 -12.55 -15.16 1.82
N PHE A 362 -11.26 -15.47 1.62
CA PHE A 362 -10.13 -14.99 2.45
C PHE A 362 -8.96 -14.66 1.49
N CYS A 363 -8.08 -13.83 1.96
CA CYS A 363 -6.97 -13.34 1.18
C CYS A 363 -6.04 -14.50 0.77
N ASN A 364 -5.75 -14.59 -0.54
CA ASN A 364 -4.78 -15.60 -1.05
C ASN A 364 -3.54 -14.96 -1.70
N LYS A 365 -3.49 -13.65 -1.61
CA LYS A 365 -2.36 -12.93 -2.28
C LYS A 365 -1.01 -13.20 -1.60
N TYR A 366 -1.03 -13.45 -0.28
CA TYR A 366 0.21 -13.62 0.54
C TYR A 366 0.10 -14.98 1.20
N GLN A 367 0.82 -15.93 0.63
CA GLN A 367 0.64 -17.35 1.06
C GLN A 367 1.72 -17.79 2.04
N GLY A 368 2.71 -16.93 2.30
CA GLY A 368 3.78 -17.32 3.26
C GLY A 368 4.53 -18.56 2.81
N VAL A 369 5.12 -19.28 3.77
CA VAL A 369 5.99 -20.39 3.46
C VAL A 369 5.79 -21.34 4.62
N LEU A 370 5.93 -22.63 4.36
CA LEU A 370 5.94 -23.61 5.45
C LEU A 370 7.40 -24.02 5.75
N LEU A 371 7.96 -23.53 6.87
CA LEU A 371 9.38 -23.64 7.17
C LEU A 371 9.63 -25.13 7.46
N ASP A 372 10.89 -25.58 7.37
CA ASP A 372 11.15 -27.02 7.33
C ASP A 372 10.70 -27.61 8.65
N GLY A 373 9.81 -28.59 8.57
CA GLY A 373 9.32 -29.30 9.76
C GLY A 373 8.17 -28.60 10.49
N ALA A 374 7.70 -27.45 9.96
CA ALA A 374 6.59 -26.72 10.58
C ALA A 374 5.18 -27.34 10.27
N SER A 375 4.22 -27.06 11.15
CA SER A 375 2.82 -27.45 10.93
C SER A 375 1.94 -26.27 10.54
N GLN A 376 2.41 -25.04 10.77
CA GLN A 376 1.61 -23.81 10.47
C GLN A 376 2.46 -22.91 9.56
N ARG A 377 1.83 -22.23 8.58
CA ARG A 377 2.55 -21.26 7.69
C ARG A 377 3.13 -20.09 8.42
N SER A 378 4.24 -19.58 7.89
CA SER A 378 4.90 -18.38 8.39
C SER A 378 4.62 -17.33 7.33
N PHE A 379 4.27 -16.10 7.79
CA PHE A 379 3.87 -15.03 6.85
C PHE A 379 4.98 -14.10 6.63
N LEU A 380 5.82 -14.57 5.70
CA LEU A 380 7.10 -13.93 5.44
C LEU A 380 7.14 -13.37 4.00
N ASN A 381 5.99 -13.09 3.36
CA ASN A 381 6.04 -12.42 2.00
C ASN A 381 6.47 -11.05 2.20
N ASP A 382 7.07 -10.43 1.19
CA ASP A 382 7.35 -9.03 1.26
C ASP A 382 6.00 -8.28 1.06
N TYR A 383 5.94 -7.07 1.56
CA TYR A 383 4.76 -6.21 1.35
C TYR A 383 5.17 -5.17 0.28
N PRO A 384 4.58 -5.25 -0.95
CA PRO A 384 5.08 -4.33 -2.03
C PRO A 384 4.48 -2.95 -1.82
N ILE A 385 5.26 -1.92 -1.95
CA ILE A 385 4.78 -0.54 -1.90
C ILE A 385 4.55 -0.01 -3.31
N TYR A 386 5.55 -0.22 -4.21
CA TYR A 386 5.42 0.26 -5.59
C TYR A 386 5.84 -0.85 -6.51
N ARG A 387 4.92 -1.17 -7.45
CA ARG A 387 5.35 -2.09 -8.53
C ARG A 387 4.95 -1.62 -9.88
N TYR A 388 5.55 -2.19 -10.90
CA TYR A 388 5.43 -1.62 -12.23
C TYR A 388 3.95 -1.51 -12.69
N ALA A 389 3.06 -2.47 -12.34
CA ALA A 389 1.66 -2.23 -12.74
C ALA A 389 1.11 -0.91 -12.17
N ASP A 390 1.56 -0.48 -10.98
CA ASP A 390 1.08 0.80 -10.36
C ASP A 390 1.62 1.98 -11.19
N CYS A 391 2.88 1.93 -11.65
CA CYS A 391 3.41 2.94 -12.54
C CYS A 391 2.48 3.09 -13.78
N LEU A 392 2.15 1.94 -14.40
CA LEU A 392 1.36 1.96 -15.61
C LEU A 392 -0.05 2.57 -15.34
N LEU A 393 -0.69 2.21 -14.23
CA LEU A 393 -2.04 2.68 -13.96
C LEU A 393 -2.05 4.13 -13.48
N LEU A 394 -1.00 4.56 -12.73
CA LEU A 394 -0.89 5.98 -12.49
C LEU A 394 -0.70 6.76 -13.76
N LEU A 395 0.12 6.27 -14.68
CA LEU A 395 0.34 6.98 -15.94
C LEU A 395 -0.96 7.09 -16.76
N ALA A 396 -1.76 6.00 -16.78
CA ALA A 396 -3.12 5.99 -17.35
C ALA A 396 -3.95 7.10 -16.69
N GLU A 397 -3.88 7.20 -15.35
CA GLU A 397 -4.69 8.19 -14.65
C GLU A 397 -4.24 9.58 -14.97
N ALA A 398 -2.92 9.83 -14.99
CA ALA A 398 -2.44 11.18 -15.34
C ALA A 398 -2.92 11.53 -16.78
N LYS A 399 -2.83 10.57 -17.67
CA LYS A 399 -3.27 10.76 -19.09
C LYS A 399 -4.77 11.11 -19.13
N ALA A 400 -5.55 10.35 -18.41
CA ALA A 400 -7.02 10.59 -18.36
C ALA A 400 -7.34 11.95 -17.80
N LEU A 401 -6.64 12.38 -16.76
CA LEU A 401 -6.90 13.68 -16.18
C LEU A 401 -6.53 14.86 -17.12
N LEU A 402 -5.61 14.56 -18.04
CA LEU A 402 -5.16 15.54 -19.06
C LEU A 402 -6.01 15.50 -20.27
N GLY A 403 -6.97 14.58 -20.32
CA GLY A 403 -7.81 14.45 -21.49
C GLY A 403 -7.12 13.70 -22.62
N GLU A 404 -6.09 12.92 -22.28
CA GLU A 404 -5.37 12.11 -23.27
C GLU A 404 -5.77 10.65 -23.16
N ASP A 405 -5.35 9.85 -24.14
CA ASP A 405 -5.79 8.50 -24.27
C ASP A 405 -5.05 7.52 -23.29
N PRO A 406 -5.79 6.83 -22.36
CA PRO A 406 -5.13 5.91 -21.35
C PRO A 406 -5.09 4.45 -21.82
N THR A 407 -5.50 4.21 -23.08
CA THR A 407 -5.77 2.86 -23.54
C THR A 407 -4.53 1.92 -23.44
N ALA A 408 -3.37 2.43 -23.83
CA ALA A 408 -2.23 1.49 -23.96
C ALA A 408 -1.86 0.98 -22.57
N GLU A 409 -1.82 1.86 -21.58
CA GLU A 409 -1.37 1.39 -20.22
C GLU A 409 -2.39 0.44 -19.58
N ILE A 410 -3.66 0.80 -19.74
CA ILE A 410 -4.70 -0.05 -19.18
C ILE A 410 -4.64 -1.43 -19.79
N ASN A 411 -4.51 -1.49 -21.13
CA ASN A 411 -4.48 -2.80 -21.77
C ASN A 411 -3.16 -3.57 -21.57
N GLN A 412 -2.07 -2.88 -21.26
CA GLN A 412 -0.85 -3.64 -20.90
C GLN A 412 -1.07 -4.43 -19.60
N VAL A 413 -1.73 -3.78 -18.66
CA VAL A 413 -2.04 -4.45 -17.37
C VAL A 413 -3.12 -5.55 -17.53
N ARG A 414 -4.19 -5.29 -18.28
CA ARG A 414 -5.20 -6.34 -18.56
C ARG A 414 -4.64 -7.56 -19.29
N GLU A 415 -3.78 -7.34 -20.28
CA GLU A 415 -3.22 -8.45 -21.02
C GLU A 415 -2.48 -9.43 -20.06
N ARG A 416 -1.73 -8.90 -19.10
CA ARG A 416 -1.04 -9.73 -18.08
C ARG A 416 -2.07 -10.53 -17.26
N ALA A 417 -3.15 -9.87 -16.86
CA ALA A 417 -4.17 -10.42 -15.96
C ALA A 417 -4.94 -11.62 -16.64
N TYR A 418 -5.29 -11.41 -17.91
CA TYR A 418 -6.02 -12.42 -18.67
C TYR A 418 -5.14 -13.45 -19.36
N GLY A 419 -3.85 -13.15 -19.52
CA GLY A 419 -2.95 -13.97 -20.35
C GLY A 419 -2.97 -13.50 -21.80
N LYS A 420 -1.81 -13.50 -22.46
CA LYS A 420 -1.74 -12.87 -23.79
C LYS A 420 -2.72 -13.43 -24.81
N GLU A 421 -2.73 -14.74 -24.94
CA GLU A 421 -3.61 -15.32 -25.99
C GLU A 421 -5.11 -15.22 -25.70
N PHE A 422 -5.48 -15.53 -24.45
CA PHE A 422 -6.87 -15.36 -24.04
C PHE A 422 -7.34 -13.91 -24.22
N PHE A 423 -6.50 -12.94 -23.83
CA PHE A 423 -6.87 -11.55 -24.01
C PHE A 423 -7.09 -11.17 -25.47
N GLU A 424 -6.16 -11.62 -26.32
CA GLU A 424 -6.27 -11.31 -27.73
C GLU A 424 -7.58 -11.91 -28.33
N ALA A 425 -7.91 -13.14 -27.96
CA ALA A 425 -9.12 -13.75 -28.50
C ALA A 425 -10.36 -12.98 -28.02
N ASN A 426 -10.28 -12.46 -26.79
CA ASN A 426 -11.45 -11.85 -26.20
C ASN A 426 -11.40 -10.34 -26.07
N LYS A 427 -10.61 -9.70 -26.92
CA LYS A 427 -10.46 -8.26 -26.86
C LYS A 427 -11.77 -7.46 -27.04
N ALA A 428 -12.75 -7.96 -27.82
CA ALA A 428 -13.92 -7.18 -28.08
C ALA A 428 -14.79 -7.13 -26.82
N THR A 429 -14.55 -8.01 -25.85
CA THR A 429 -15.23 -7.80 -24.56
C THR A 429 -14.36 -7.38 -23.32
N LEU A 430 -13.06 -7.65 -23.38
CA LEU A 430 -12.18 -7.50 -22.20
C LEU A 430 -11.23 -6.33 -22.32
N ALA A 431 -10.82 -6.00 -23.55
CA ALA A 431 -9.88 -4.91 -23.70
C ALA A 431 -10.54 -3.56 -23.51
N TYR A 432 -9.84 -2.57 -22.93
CA TYR A 432 -10.35 -1.22 -22.83
C TYR A 432 -10.53 -0.62 -24.24
N PRO A 433 -11.69 0.04 -24.52
CA PRO A 433 -12.79 0.41 -23.61
C PRO A 433 -14.07 -0.41 -23.76
N ASN A 434 -13.91 -1.70 -23.97
CA ASN A 434 -15.01 -2.63 -24.24
C ASN A 434 -15.51 -3.42 -23.03
N ASP A 435 -14.88 -3.25 -21.84
CA ASP A 435 -15.29 -4.04 -20.69
C ASP A 435 -16.43 -3.28 -19.98
N LYS A 436 -17.66 -3.64 -20.41
CA LYS A 436 -18.85 -2.91 -20.00
C LYS A 436 -20.08 -3.84 -20.09
N GLY A 437 -21.23 -3.34 -19.70
CA GLY A 437 -22.45 -4.13 -19.87
C GLY A 437 -22.98 -4.76 -18.61
N ASP A 438 -23.59 -5.94 -18.76
CA ASP A 438 -24.43 -6.52 -17.72
C ASP A 438 -23.70 -6.87 -16.42
N PHE A 439 -22.42 -7.22 -16.53
CA PHE A 439 -21.61 -7.53 -15.36
C PHE A 439 -21.66 -6.41 -14.31
N TYR A 440 -21.93 -5.19 -14.77
CA TYR A 440 -21.88 -3.96 -13.93
C TYR A 440 -23.23 -3.57 -13.32
N THR A 441 -24.32 -4.22 -13.76
CA THR A 441 -25.62 -3.54 -13.50
C THR A 441 -26.00 -3.37 -12.04
N ASP A 442 -25.79 -4.38 -11.23
CA ASP A 442 -26.11 -4.18 -9.78
C ASP A 442 -24.78 -4.33 -9.03
N ASN A 443 -23.76 -3.59 -9.48
CA ASN A 443 -22.38 -3.87 -8.95
C ASN A 443 -21.89 -2.62 -8.30
N LYS A 444 -21.93 -2.55 -6.97
CA LYS A 444 -21.59 -1.28 -6.30
C LYS A 444 -20.09 -0.98 -6.29
N TYR A 445 -19.29 -1.96 -6.72
CA TYR A 445 -17.82 -1.87 -6.54
C TYR A 445 -17.10 -1.21 -7.71
N MET A 446 -17.79 -1.17 -8.85
CA MET A 446 -17.10 -0.88 -10.12
C MET A 446 -18.08 -0.73 -11.22
N SER A 447 -17.69 0.05 -12.24
CA SER A 447 -18.60 0.27 -13.37
C SER A 447 -17.90 0.08 -14.67
N GLY A 448 -18.61 0.28 -15.77
CA GLY A 448 -18.05 -0.06 -17.06
C GLY A 448 -16.98 0.93 -17.57
N ASP A 449 -16.32 0.49 -18.66
CA ASP A 449 -15.27 1.30 -19.28
C ASP A 449 -15.71 2.60 -19.94
N GLU A 450 -17.03 2.93 -20.00
CA GLU A 450 -17.45 4.14 -20.65
C GLU A 450 -16.94 5.37 -20.03
N ASP A 451 -16.42 5.30 -18.79
CA ASP A 451 -15.84 6.48 -18.22
C ASP A 451 -14.38 6.14 -17.89
N PRO A 452 -13.40 6.93 -18.41
CA PRO A 452 -11.95 6.58 -18.24
C PRO A 452 -11.55 6.47 -16.76
N LEU A 453 -11.95 7.43 -15.95
CA LEU A 453 -11.56 7.36 -14.53
C LEU A 453 -12.18 6.16 -13.82
N GLU A 454 -13.48 5.86 -14.04
CA GLU A 454 -14.00 4.58 -13.54
C GLU A 454 -13.30 3.35 -14.04
N ALA A 455 -12.86 3.30 -15.34
CA ALA A 455 -12.18 2.13 -15.84
C ALA A 455 -10.84 1.94 -15.06
N ILE A 456 -10.19 3.03 -14.81
CA ILE A 456 -8.89 3.03 -14.07
C ILE A 456 -9.14 2.69 -12.59
N LEU A 457 -10.15 3.29 -11.95
CA LEU A 457 -10.47 2.83 -10.57
C LEU A 457 -10.69 1.31 -10.51
N LYS A 458 -11.47 0.82 -11.48
CA LYS A 458 -11.81 -0.59 -11.59
C LYS A 458 -10.53 -1.42 -11.76
N GLU A 459 -9.62 -0.95 -12.62
CA GLU A 459 -8.44 -1.72 -12.91
C GLU A 459 -7.55 -1.76 -11.64
N ARG A 460 -7.49 -0.65 -10.92
CA ARG A 460 -6.70 -0.61 -9.66
C ARG A 460 -7.32 -1.46 -8.59
N MET A 461 -8.65 -1.57 -8.58
CA MET A 461 -9.28 -2.42 -7.57
CA MET A 461 -9.37 -2.44 -7.63
C MET A 461 -8.96 -3.90 -7.84
N ARG A 462 -8.88 -4.28 -9.11
CA ARG A 462 -8.63 -5.68 -9.48
C ARG A 462 -7.15 -5.98 -9.27
N GLU A 463 -6.29 -4.99 -9.50
CA GLU A 463 -4.82 -5.23 -9.47
C GLU A 463 -4.21 -5.17 -8.04
N PHE A 464 -4.83 -4.39 -7.14
CA PHE A 464 -4.17 -4.07 -5.86
C PHE A 464 -4.96 -4.39 -4.62
N MET A 465 -5.80 -5.39 -4.71
CA MET A 465 -6.49 -5.78 -3.43
C MET A 465 -5.45 -6.23 -2.46
N PHE A 466 -5.63 -5.87 -1.20
CA PHE A 466 -4.63 -6.20 -0.14
C PHE A 466 -3.27 -5.49 -0.27
N GLU A 467 -3.19 -4.44 -1.11
CA GLU A 467 -2.00 -3.68 -1.26
C GLU A 467 -2.07 -2.24 -0.80
N GLY A 468 -3.14 -1.86 -0.03
CA GLY A 468 -3.19 -0.52 0.59
C GLY A 468 -3.36 0.63 -0.35
N LYS A 469 -4.18 0.41 -1.36
CA LYS A 469 -4.42 1.43 -2.38
C LYS A 469 -5.87 1.99 -2.43
N ARG A 470 -6.88 1.16 -2.20
CA ARG A 470 -8.31 1.49 -2.62
C ARG A 470 -8.77 2.82 -1.98
N TRP A 471 -8.60 2.94 -0.66
CA TRP A 471 -9.03 4.17 0.04
C TRP A 471 -8.33 5.39 -0.52
N TYR A 472 -7.01 5.28 -0.71
CA TYR A 472 -6.32 6.46 -1.27
C TYR A 472 -6.72 6.73 -2.77
N ASP A 473 -7.11 5.70 -3.53
CA ASP A 473 -7.50 5.87 -4.95
C ASP A 473 -8.84 6.66 -5.00
N LEU A 474 -9.77 6.30 -4.13
CA LEU A 474 -11.04 7.06 -4.04
C LEU A 474 -10.77 8.44 -3.55
N ARG A 475 -9.97 8.58 -2.51
CA ARG A 475 -9.69 9.91 -1.94
C ARG A 475 -9.05 10.84 -2.96
N LEU A 476 -8.14 10.32 -3.79
CA LEU A 476 -7.50 11.23 -4.76
C LEU A 476 -8.60 11.83 -5.68
N LEU A 477 -9.54 11.00 -6.10
CA LEU A 477 -10.52 11.47 -7.11
C LEU A 477 -11.53 12.44 -6.52
N GLY A 478 -11.85 12.24 -5.24
CA GLY A 478 -12.58 13.27 -4.47
C GLY A 478 -13.73 12.73 -3.63
N ALA A 479 -14.26 13.65 -2.83
CA ALA A 479 -15.22 13.30 -1.79
C ALA A 479 -16.41 12.55 -2.37
N ASP A 480 -16.88 12.90 -3.59
CA ASP A 480 -18.03 12.24 -4.16
C ASP A 480 -17.75 10.78 -4.53
N TYR A 481 -16.49 10.53 -4.96
CA TYR A 481 -16.17 9.13 -5.20
C TYR A 481 -16.10 8.32 -3.87
N VAL A 482 -15.57 8.94 -2.83
CA VAL A 482 -15.47 8.31 -1.48
C VAL A 482 -16.89 8.05 -0.93
N THR A 483 -17.76 9.08 -0.91
CA THR A 483 -19.08 8.89 -0.26
C THR A 483 -19.98 7.97 -1.09
N LYS A 484 -19.79 7.87 -2.40
CA LYS A 484 -20.54 6.94 -3.21
C LYS A 484 -20.32 5.51 -2.85
N ARG A 485 -19.04 5.15 -2.62
CA ARG A 485 -18.71 3.75 -2.44
C ARG A 485 -18.35 3.36 -1.02
N THR A 486 -18.25 4.30 -0.11
CA THR A 486 -17.87 3.94 1.27
C THR A 486 -18.87 4.51 2.27
N SER A 487 -18.73 4.12 3.54
CA SER A 487 -19.56 4.78 4.56
C SER A 487 -19.03 6.05 5.19
N ALA A 488 -17.89 6.55 4.67
CA ALA A 488 -17.26 7.78 5.15
C ALA A 488 -18.10 8.95 4.75
N VAL A 489 -18.09 9.98 5.58
CA VAL A 489 -18.79 11.24 5.17
C VAL A 489 -17.79 12.33 4.85
N ALA A 490 -18.21 13.35 4.09
CA ALA A 490 -17.28 14.34 3.59
C ALA A 490 -16.60 15.16 4.65
N THR A 491 -17.17 15.27 5.86
CA THR A 491 -16.52 16.00 6.90
C THR A 491 -15.52 15.22 7.69
N ARG A 492 -15.40 13.90 7.44
CA ARG A 492 -14.56 13.04 8.23
CA ARG A 492 -14.53 13.07 8.24
C ARG A 492 -13.69 12.16 7.32
N LEU A 493 -13.13 12.76 6.29
CA LEU A 493 -12.21 12.00 5.38
C LEU A 493 -10.86 11.83 6.01
N LEU A 494 -10.43 12.76 6.86
CA LEU A 494 -9.20 12.55 7.62
C LEU A 494 -9.39 11.59 8.80
N TRP A 495 -8.34 11.27 9.55
CA TRP A 495 -8.41 10.40 10.73
C TRP A 495 -8.36 11.28 11.98
N PRO A 496 -9.09 10.87 13.03
CA PRO A 496 -8.91 11.55 14.33
C PRO A 496 -7.58 11.25 14.99
N ILE A 497 -7.27 12.04 16.02
CA ILE A 497 -6.03 11.96 16.81
C ILE A 497 -6.35 11.44 18.17
N ASN A 498 -5.63 10.44 18.62
CA ASN A 498 -5.90 9.78 19.90
C ASN A 498 -5.58 10.66 21.12
N GLU A 499 -6.22 10.32 22.26
CA GLU A 499 -6.17 11.24 23.43
C GLU A 499 -4.74 11.57 23.91
N SER A 500 -3.90 10.53 24.04
CA SER A 500 -2.54 10.67 24.59
C SER A 500 -1.70 11.68 23.78
N VAL A 501 -1.88 11.70 22.45
CA VAL A 501 -1.21 12.73 21.60
C VAL A 501 -1.57 14.17 21.94
N LEU A 502 -2.87 14.39 22.12
CA LEU A 502 -3.39 15.72 22.41
C LEU A 502 -3.01 16.22 23.84
N THR A 503 -2.96 15.30 24.82
CA THR A 503 -2.47 15.57 26.20
C THR A 503 -0.99 15.98 26.15
N ASP A 504 -0.20 15.19 25.43
CA ASP A 504 1.26 15.38 25.39
C ASP A 504 1.68 16.59 24.58
N ASN A 505 0.81 17.04 23.69
CA ASN A 505 1.09 18.27 22.96
C ASN A 505 -0.07 19.25 22.90
N PRO A 506 -0.13 20.19 23.88
CA PRO A 506 -1.18 21.21 23.97
C PRO A 506 -1.39 22.10 22.76
N ALA A 507 -0.38 22.28 21.89
CA ALA A 507 -0.59 23.09 20.68
C ALA A 507 -1.36 22.38 19.54
N LEU A 508 -1.51 21.05 19.63
CA LEU A 508 -2.28 20.31 18.60
C LEU A 508 -3.78 20.40 18.79
N LYS A 509 -4.54 20.57 17.71
CA LYS A 509 -6.01 20.48 17.71
C LYS A 509 -6.47 19.10 17.19
N GLN A 510 -7.65 18.66 17.63
CA GLN A 510 -8.29 17.44 17.10
C GLN A 510 -8.55 17.70 15.62
N THR A 511 -8.56 16.66 14.82
CA THR A 511 -8.88 16.82 13.41
C THR A 511 -10.28 17.39 13.19
N PRO A 512 -10.44 18.27 12.21
CA PRO A 512 -11.75 18.82 11.94
C PRO A 512 -12.73 17.75 11.57
N GLY A 513 -13.95 17.94 12.01
CA GLY A 513 -15.00 17.00 11.74
C GLY A 513 -15.27 16.03 12.86
N TYR A 514 -14.34 15.95 13.82
CA TYR A 514 -14.34 14.99 14.93
C TYR A 514 -14.69 15.60 16.35
N GLN A 515 -15.56 16.62 16.40
CA GLN A 515 -16.20 17.10 17.67
C GLN A 515 -17.51 16.35 18.14
N ASN A 516 -18.00 16.66 19.34
CA ASN A 516 -19.22 16.02 19.95
C ASN A 516 -19.05 14.54 20.44
C ACT B . -13.34 16.86 -4.36
O ACT B . -12.19 16.56 -4.81
OXT ACT B . -13.68 16.53 -3.17
CH3 ACT B . -14.30 17.57 -5.28
C ACT C . 12.40 -19.77 -2.30
O ACT C . 11.39 -20.49 -2.26
OXT ACT C . 13.14 -19.99 -3.30
CH3 ACT C . 12.70 -18.72 -1.26
C1 EDO D . -7.69 -2.03 -4.27
O1 EDO D . -8.45 -3.30 -4.53
C2 EDO D . -7.01 -1.03 -5.25
O2 EDO D . -7.46 0.35 -5.63
C1 EDO E . -9.75 14.76 22.47
O1 EDO E . -9.79 13.44 22.97
C2 EDO E . -10.56 14.74 21.18
O2 EDO E . -10.63 16.05 20.72
NA NA F . -21.76 6.57 1.41
C1 EDO G . 19.23 -2.50 -11.20
O1 EDO G . 20.24 -1.96 -10.39
C2 EDO G . 18.95 -1.48 -12.27
O2 EDO G . 18.83 -2.22 -13.48
#